data_3QO8
#
_entry.id   3QO8
#
_cell.length_a   90.997
_cell.length_b   90.997
_cell.length_c   275.767
_cell.angle_alpha   90.00
_cell.angle_beta   90.00
_cell.angle_gamma   120.00
#
_symmetry.space_group_name_H-M   'P 61 2 2'
#
loop_
_entity.id
_entity.type
_entity.pdbx_description
1 polymer 'Seryl-tRNA synthetase, cytoplasmic'
2 non-polymer "5'-O-(N-(L-SERYL)-SULFAMOYL)ADENOSINE"
3 non-polymer 'MAGNESIUM ION'
4 water water
#
_entity_poly.entity_id   1
_entity_poly.type   'polypeptide(L)'
_entity_poly.pdbx_seq_one_letter_code
;MLDINAFLVEKGGDPEIIKASQKKRGDSVELVDEIIAEYKEWVKLRFDLDEHNKKLNSVQKEIGKRFKAKEDAKDLIAEK
EKLSNEKKEIIEKEAEADKNLRSKINQVGNIVHESVVDSQDEENNELVRTWTPENYKKPEQIAAATGAPAKLSHHEVLLR
LDGYDPERGVRIVGHRGYFLRNYGVFLNQALINYGLSFLSSKGYVPLQAPVMMNKEVMAKTAQLSQFDEELYKVIDGEDE
KYLIATSEQPISAYHAGEWFESPAEQLPVRYAGYSSCFRREAGSHGKDAWGIFRVHAFEKIEQFVLTEPEKSWEEFDRMI
GCSEEFYQSLGLPYRVVGIVSGELNNAAAKKYDLEAWFPFQQEYKELVSCSNCTDYQSRNLEIRCGIKQQNQQEKKYVHC
LNSTLSATERTICCILENYQKEDGLVIPEVLRKYIPGEPEFIPYIKELPKNTTSVKKAKGKNPKNTTSVKKAKGKNGSRH
HHHHH
;
_entity_poly.pdbx_strand_id   A
#
loop_
_chem_comp.id
_chem_comp.type
_chem_comp.name
_chem_comp.formula
MG non-polymer 'MAGNESIUM ION' 'Mg 2'
SSA non-polymer 5'-O-(N-(L-SERYL)-SULFAMOYL)ADENOSINE 'C13 H19 N7 O8 S'
#
# COMPACT_ATOMS: atom_id res chain seq x y z
N MET A 1 1.68 8.82 -9.66
CA MET A 1 1.64 8.53 -11.08
C MET A 1 3.03 8.71 -11.67
N LEU A 2 3.19 8.30 -12.93
CA LEU A 2 4.44 8.47 -13.64
C LEU A 2 4.59 9.93 -14.06
N ASP A 3 5.83 10.35 -14.31
CA ASP A 3 6.08 11.68 -14.83
C ASP A 3 5.51 11.82 -16.23
N ILE A 4 4.96 13.00 -16.53
CA ILE A 4 4.50 13.32 -17.87
C ILE A 4 5.59 13.00 -18.90
N ASN A 5 6.82 13.42 -18.61
CA ASN A 5 7.92 13.29 -19.56
C ASN A 5 8.25 11.84 -19.90
N ALA A 6 7.85 10.91 -19.03
CA ALA A 6 8.07 9.49 -19.29
C ALA A 6 7.38 9.03 -20.58
N PHE A 7 6.29 9.71 -20.94
CA PHE A 7 5.51 9.33 -22.13
C PHE A 7 6.05 9.99 -23.40
N LEU A 8 7.01 10.89 -23.25
CA LEU A 8 7.40 11.77 -24.35
C LEU A 8 8.83 11.49 -24.83
N VAL A 9 8.92 10.85 -25.99
CA VAL A 9 10.21 10.52 -26.59
C VAL A 9 11.08 11.76 -26.72
N GLU A 10 10.46 12.87 -27.08
CA GLU A 10 11.19 14.10 -27.34
C GLU A 10 11.73 14.71 -26.05
N LYS A 11 11.21 14.23 -24.92
CA LYS A 11 11.61 14.74 -23.62
C LYS A 11 12.50 13.75 -22.88
N GLY A 12 12.89 12.69 -23.58
CA GLY A 12 13.76 11.69 -22.99
C GLY A 12 13.07 10.45 -22.47
N GLY A 13 11.75 10.39 -22.60
CA GLY A 13 11.01 9.26 -22.10
C GLY A 13 10.98 8.08 -23.05
N ASP A 14 10.39 6.97 -22.61
CA ASP A 14 10.14 5.86 -23.50
C ASP A 14 8.74 5.32 -23.33
N PRO A 15 7.81 5.77 -24.18
CA PRO A 15 6.44 5.27 -24.18
C PRO A 15 6.38 3.77 -24.42
N GLU A 16 7.36 3.20 -25.12
CA GLU A 16 7.36 1.77 -25.41
C GLU A 16 7.45 0.96 -24.11
N ILE A 17 8.35 1.39 -23.24
CA ILE A 17 8.52 0.77 -21.93
C ILE A 17 7.21 0.80 -21.16
N ILE A 18 6.49 1.90 -21.27
CA ILE A 18 5.23 2.03 -20.55
C ILE A 18 4.17 1.10 -21.13
N LYS A 19 4.13 0.98 -22.46
CA LYS A 19 3.19 0.08 -23.11
C LYS A 19 3.47 -1.38 -22.74
N ALA A 20 4.74 -1.75 -22.71
CA ALA A 20 5.12 -3.10 -22.34
C ALA A 20 4.67 -3.35 -20.91
N SER A 21 4.82 -2.35 -20.04
CA SER A 21 4.45 -2.51 -18.65
C SER A 21 2.94 -2.70 -18.55
N GLN A 22 2.19 -1.85 -19.25
CA GLN A 22 0.73 -1.97 -19.25
C GLN A 22 0.29 -3.38 -19.66
N LYS A 23 0.97 -3.91 -20.66
CA LYS A 23 0.67 -5.24 -21.17
C LYS A 23 0.91 -6.30 -20.11
N LYS A 24 2.06 -6.22 -19.45
CA LYS A 24 2.37 -7.12 -18.34
C LYS A 24 1.33 -7.06 -17.23
N ARG A 25 0.81 -5.85 -17.01
CA ARG A 25 -0.16 -5.62 -15.94
C ARG A 25 -1.54 -6.17 -16.30
N GLY A 26 -1.75 -6.41 -17.59
CA GLY A 26 -3.06 -6.74 -18.08
C GLY A 26 -3.95 -5.50 -18.15
N ASP A 27 -3.32 -4.33 -18.24
CA ASP A 27 -4.06 -3.07 -18.29
C ASP A 27 -3.98 -2.42 -19.68
N SER A 28 -4.72 -1.33 -19.86
CA SER A 28 -4.85 -0.70 -21.17
C SER A 28 -3.54 -0.17 -21.75
N VAL A 29 -3.18 -0.68 -22.93
CA VAL A 29 -2.03 -0.19 -23.67
C VAL A 29 -2.40 1.06 -24.48
N GLU A 30 -3.68 1.17 -24.79
CA GLU A 30 -4.20 2.31 -25.55
C GLU A 30 -3.96 3.62 -24.80
N LEU A 31 -4.12 3.57 -23.48
CA LEU A 31 -3.91 4.73 -22.62
C LEU A 31 -2.67 5.52 -23.01
N VAL A 32 -1.59 4.81 -23.36
CA VAL A 32 -0.32 5.48 -23.63
C VAL A 32 -0.37 6.40 -24.85
N ASP A 33 -0.85 5.88 -25.97
CA ASP A 33 -1.02 6.69 -27.17
C ASP A 33 -1.95 7.88 -26.93
N GLU A 34 -3.03 7.65 -26.19
CA GLU A 34 -3.99 8.72 -25.88
C GLU A 34 -3.33 9.82 -25.07
N ILE A 35 -2.52 9.42 -24.11
CA ILE A 35 -1.82 10.38 -23.26
C ILE A 35 -0.91 11.24 -24.12
N ILE A 36 -0.20 10.60 -25.05
CA ILE A 36 0.71 11.34 -25.94
C ILE A 36 -0.05 12.32 -26.82
N ALA A 37 -1.19 11.90 -27.35
CA ALA A 37 -1.98 12.78 -28.22
C ALA A 37 -2.44 14.01 -27.46
N GLU A 38 -3.10 13.78 -26.32
CA GLU A 38 -3.61 14.88 -25.52
C GLU A 38 -2.49 15.83 -25.09
N TYR A 39 -1.30 15.28 -24.82
CA TYR A 39 -0.19 16.17 -24.48
C TYR A 39 0.12 17.13 -25.63
N LYS A 40 0.08 16.62 -26.85
CA LYS A 40 0.38 17.46 -28.00
C LYS A 40 -0.68 18.54 -28.18
N GLU A 41 -1.94 18.19 -27.94
CA GLU A 41 -3.02 19.18 -27.99
C GLU A 41 -2.76 20.25 -26.94
N TRP A 42 -2.41 19.81 -25.74
CA TRP A 42 -2.12 20.75 -24.67
C TRP A 42 -1.00 21.72 -25.05
N VAL A 43 0.08 21.17 -25.62
CA VAL A 43 1.21 22.00 -26.03
C VAL A 43 0.78 23.03 -27.08
N LYS A 44 -0.03 22.59 -28.03
CA LYS A 44 -0.57 23.49 -29.06
C LYS A 44 -1.31 24.66 -28.42
N LEU A 45 -2.17 24.35 -27.47
CA LEU A 45 -2.92 25.38 -26.76
C LEU A 45 -1.99 26.35 -26.01
N ARG A 46 -0.95 25.80 -25.39
CA ARG A 46 0.03 26.62 -24.65
C ARG A 46 0.74 27.60 -25.59
N PHE A 47 1.13 27.12 -26.76
CA PHE A 47 1.75 27.99 -27.76
C PHE A 47 0.77 29.07 -28.20
N ASP A 48 -0.47 28.68 -28.48
CA ASP A 48 -1.50 29.62 -28.91
C ASP A 48 -1.77 30.68 -27.84
N LEU A 49 -1.84 30.24 -26.59
CA LEU A 49 -1.98 31.17 -25.47
C LEU A 49 -0.80 32.14 -25.45
N ASP A 50 0.42 31.60 -25.59
CA ASP A 50 1.62 32.41 -25.64
C ASP A 50 1.56 33.46 -26.75
N GLU A 51 1.14 33.03 -27.94
CA GLU A 51 1.04 33.93 -29.08
C GLU A 51 0.01 35.03 -28.84
N HIS A 52 -1.12 34.65 -28.24
CA HIS A 52 -2.17 35.63 -27.95
C HIS A 52 -1.67 36.67 -26.95
N ASN A 53 -0.88 36.23 -25.97
CA ASN A 53 -0.26 37.17 -25.05
C ASN A 53 0.67 38.12 -25.77
N LYS A 54 1.48 37.59 -26.67
CA LYS A 54 2.38 38.42 -27.47
C LYS A 54 1.59 39.44 -28.30
N LYS A 55 0.56 38.99 -29.01
CA LYS A 55 -0.28 39.89 -29.80
C LYS A 55 -0.98 40.92 -28.91
N LEU A 56 -1.56 40.47 -27.80
CA LEU A 56 -2.23 41.39 -26.88
C LEU A 56 -1.29 42.47 -26.36
N ASN A 57 -0.09 42.07 -25.92
CA ASN A 57 0.90 43.04 -25.45
C ASN A 57 1.27 44.02 -26.55
N SER A 58 1.44 43.51 -27.76
CA SER A 58 1.76 44.35 -28.90
C SER A 58 0.63 45.35 -29.16
N VAL A 59 -0.61 44.88 -29.07
CA VAL A 59 -1.78 45.69 -29.40
C VAL A 59 -2.05 46.79 -28.39
N GLN A 60 -2.06 46.44 -27.11
CA GLN A 60 -2.34 47.42 -26.07
C GLN A 60 -1.19 48.43 -25.93
N LYS A 61 0.00 48.02 -26.36
CA LYS A 61 1.14 48.92 -26.40
C LYS A 61 1.03 49.89 -27.59
N GLU A 62 0.25 49.50 -28.59
CA GLU A 62 -0.05 50.38 -29.71
C GLU A 62 -1.16 51.36 -29.32
N ILE A 63 -2.15 50.83 -28.60
CA ILE A 63 -3.26 51.64 -28.12
C ILE A 63 -2.74 52.81 -27.28
N GLY A 64 -1.68 52.56 -26.52
CA GLY A 64 -1.07 53.59 -25.70
C GLY A 64 -0.53 54.74 -26.55
N LYS A 65 0.03 54.40 -27.70
CA LYS A 65 0.64 55.40 -28.57
C LYS A 65 -0.41 56.21 -29.34
N ARG A 66 -1.40 55.53 -29.89
CA ARG A 66 -2.46 56.22 -30.64
C ARG A 66 -3.41 56.98 -29.71
N PHE A 67 -3.08 56.95 -28.42
CA PHE A 67 -3.81 57.65 -27.39
C PHE A 67 -3.55 59.17 -27.50
N LYS A 68 -3.09 59.59 -28.67
CA LYS A 68 -2.85 60.99 -28.99
C LYS A 68 -4.06 61.61 -29.67
N ASP A 72 -8.33 55.51 -35.12
CA ASP A 72 -7.88 56.07 -33.86
C ASP A 72 -9.01 56.12 -32.84
N ALA A 73 -9.10 55.10 -31.98
CA ALA A 73 -8.29 53.91 -32.08
C ALA A 73 -9.22 52.70 -32.00
N LYS A 74 -10.43 52.90 -32.50
CA LYS A 74 -11.51 51.91 -32.37
C LYS A 74 -11.23 50.61 -33.10
N ASP A 75 -10.22 50.61 -33.96
CA ASP A 75 -9.83 49.39 -34.66
C ASP A 75 -8.88 48.56 -33.80
N LEU A 76 -7.96 49.22 -33.10
CA LEU A 76 -7.07 48.53 -32.19
C LEU A 76 -7.86 47.94 -31.03
N ILE A 77 -8.90 48.67 -30.63
CA ILE A 77 -9.78 48.23 -29.54
C ILE A 77 -10.57 47.02 -29.99
N ALA A 78 -11.09 47.09 -31.21
CA ALA A 78 -11.86 46.00 -31.78
C ALA A 78 -11.04 44.72 -31.85
N GLU A 79 -9.73 44.86 -32.08
CA GLU A 79 -8.85 43.71 -32.18
C GLU A 79 -8.48 43.19 -30.78
N LYS A 80 -8.28 44.10 -29.85
CA LYS A 80 -8.00 43.72 -28.48
C LYS A 80 -9.13 42.83 -27.97
N GLU A 81 -10.36 43.30 -28.17
CA GLU A 81 -11.53 42.55 -27.70
C GLU A 81 -11.60 41.18 -28.37
N LYS A 82 -11.25 41.14 -29.66
CA LYS A 82 -11.21 39.89 -30.39
C LYS A 82 -10.16 38.94 -29.80
N LEU A 83 -8.92 39.39 -29.72
CA LEU A 83 -7.84 38.58 -29.19
C LEU A 83 -8.17 38.12 -27.77
N SER A 84 -8.77 39.01 -26.99
CA SER A 84 -9.12 38.69 -25.61
C SER A 84 -10.19 37.60 -25.55
N ASN A 85 -11.22 37.71 -26.37
CA ASN A 85 -12.25 36.67 -26.42
C ASN A 85 -11.69 35.31 -26.84
N GLU A 86 -10.76 35.32 -27.78
CA GLU A 86 -10.10 34.08 -28.20
C GLU A 86 -9.26 33.51 -27.07
N LYS A 87 -8.54 34.38 -26.37
CA LYS A 87 -7.72 33.96 -25.24
C LYS A 87 -8.56 33.31 -24.16
N LYS A 88 -9.71 33.91 -23.85
CA LYS A 88 -10.62 33.30 -22.89
C LYS A 88 -10.93 31.85 -23.25
N GLU A 89 -11.25 31.62 -24.52
CA GLU A 89 -11.57 30.28 -24.98
C GLU A 89 -10.38 29.34 -24.83
N ILE A 90 -9.21 29.79 -25.30
CA ILE A 90 -8.00 29.00 -25.22
C ILE A 90 -7.69 28.64 -23.76
N ILE A 91 -7.85 29.61 -22.86
CA ILE A 91 -7.59 29.38 -21.44
C ILE A 91 -8.45 28.25 -20.90
N GLU A 92 -9.71 28.22 -21.35
CA GLU A 92 -10.66 27.22 -20.93
C GLU A 92 -10.31 25.84 -21.48
N LYS A 93 -9.95 25.79 -22.77
CA LYS A 93 -9.55 24.54 -23.40
C LYS A 93 -8.27 23.98 -22.77
N GLU A 94 -7.31 24.86 -22.51
CA GLU A 94 -6.04 24.43 -21.96
C GLU A 94 -6.27 23.73 -20.62
N ALA A 95 -7.06 24.36 -19.76
CA ALA A 95 -7.31 23.82 -18.44
C ALA A 95 -8.03 22.48 -18.54
N GLU A 96 -8.93 22.36 -19.50
CA GLU A 96 -9.65 21.11 -19.70
C GLU A 96 -8.69 20.01 -20.19
N ALA A 97 -7.77 20.39 -21.06
CA ALA A 97 -6.80 19.44 -21.60
C ALA A 97 -5.86 18.96 -20.52
N ASP A 98 -5.40 19.88 -19.68
CA ASP A 98 -4.50 19.53 -18.59
C ASP A 98 -5.20 18.57 -17.66
N LYS A 99 -6.48 18.82 -17.43
CA LYS A 99 -7.29 17.99 -16.54
C LYS A 99 -7.43 16.56 -17.07
N ASN A 100 -7.77 16.44 -18.34
CA ASN A 100 -7.98 15.14 -18.94
C ASN A 100 -6.68 14.38 -19.12
N LEU A 101 -5.61 15.13 -19.36
CA LEU A 101 -4.30 14.52 -19.50
C LEU A 101 -3.89 13.88 -18.16
N ARG A 102 -3.96 14.65 -17.08
CA ARG A 102 -3.57 14.11 -15.78
C ARG A 102 -4.49 12.96 -15.32
N SER A 103 -5.75 13.04 -15.71
CA SER A 103 -6.70 11.98 -15.38
C SER A 103 -6.29 10.68 -16.05
N LYS A 104 -5.84 10.77 -17.29
CA LYS A 104 -5.40 9.59 -18.02
C LYS A 104 -4.10 9.06 -17.44
N ILE A 105 -3.15 9.95 -17.20
CA ILE A 105 -1.87 9.52 -16.65
C ILE A 105 -2.06 8.82 -15.31
N ASN A 106 -3.05 9.30 -14.55
CA ASN A 106 -3.36 8.71 -13.25
C ASN A 106 -3.80 7.25 -13.34
N GLN A 107 -4.34 6.86 -14.48
CA GLN A 107 -4.79 5.49 -14.69
C GLN A 107 -3.64 4.51 -14.98
N VAL A 108 -2.49 5.02 -15.39
CA VAL A 108 -1.36 4.17 -15.77
C VAL A 108 -0.58 3.70 -14.55
N GLY A 109 -0.43 2.38 -14.42
CA GLY A 109 0.33 1.79 -13.33
C GLY A 109 1.81 2.08 -13.43
N ASN A 110 2.51 1.94 -12.32
CA ASN A 110 3.95 2.13 -12.26
C ASN A 110 4.64 1.14 -13.22
N ILE A 111 5.84 1.48 -13.68
CA ILE A 111 6.58 0.58 -14.57
C ILE A 111 6.98 -0.68 -13.85
N VAL A 112 6.49 -1.82 -14.33
CA VAL A 112 6.84 -3.10 -13.75
C VAL A 112 8.32 -3.40 -13.94
N HIS A 113 8.98 -3.69 -12.82
CA HIS A 113 10.41 -3.97 -12.83
C HIS A 113 10.70 -5.19 -13.71
N GLU A 114 11.77 -5.10 -14.48
CA GLU A 114 12.14 -6.16 -15.42
C GLU A 114 12.30 -7.55 -14.81
N SER A 115 12.53 -7.61 -13.51
CA SER A 115 12.75 -8.90 -12.86
C SER A 115 11.44 -9.60 -12.52
N VAL A 116 10.30 -8.91 -12.65
CA VAL A 116 9.01 -9.49 -12.31
C VAL A 116 8.49 -10.44 -13.40
N VAL A 117 8.00 -11.61 -12.99
CA VAL A 117 7.41 -12.56 -13.94
C VAL A 117 6.20 -11.97 -14.63
N ASP A 118 6.18 -12.06 -15.96
CA ASP A 118 5.07 -11.53 -16.73
C ASP A 118 3.93 -12.56 -16.85
N SER A 119 2.88 -12.40 -16.06
CA SER A 119 1.76 -13.34 -16.08
C SER A 119 0.56 -12.81 -15.34
N GLN A 120 -0.62 -13.32 -15.68
CA GLN A 120 -1.83 -12.97 -14.98
C GLN A 120 -2.22 -14.05 -13.99
N ASP A 121 -1.39 -15.09 -13.91
CA ASP A 121 -1.71 -16.28 -13.13
C ASP A 121 -0.72 -16.48 -11.98
N GLU A 122 -1.21 -16.33 -10.75
CA GLU A 122 -0.41 -16.48 -9.55
C GLU A 122 0.30 -17.83 -9.47
N GLU A 123 -0.19 -18.81 -10.23
CA GLU A 123 0.48 -20.09 -10.31
C GLU A 123 1.94 -19.87 -10.72
N ASN A 124 2.19 -18.74 -11.37
CA ASN A 124 3.51 -18.42 -11.90
C ASN A 124 4.33 -17.49 -11.01
N ASN A 125 3.82 -17.19 -9.81
CA ASN A 125 4.59 -16.48 -8.81
C ASN A 125 5.95 -17.13 -8.68
N GLU A 126 7.00 -16.31 -8.57
CA GLU A 126 8.35 -16.82 -8.39
C GLU A 126 8.51 -17.34 -6.97
N LEU A 127 9.07 -18.54 -6.83
CA LEU A 127 9.36 -19.06 -5.51
C LEU A 127 10.74 -18.58 -5.13
N VAL A 128 10.79 -17.55 -4.29
CA VAL A 128 12.04 -16.86 -3.99
C VAL A 128 12.86 -17.60 -2.92
N ARG A 129 12.22 -17.91 -1.80
CA ARG A 129 12.91 -18.55 -0.69
C ARG A 129 11.91 -19.34 0.11
N THR A 130 12.39 -20.37 0.80
CA THR A 130 11.57 -21.13 1.73
C THR A 130 12.34 -21.21 3.05
N TRP A 131 11.61 -21.27 4.15
CA TRP A 131 12.26 -21.43 5.45
C TRP A 131 11.42 -22.30 6.38
N THR A 132 12.07 -23.22 7.09
CA THR A 132 11.39 -23.96 8.14
C THR A 132 12.17 -23.83 9.44
N PRO A 133 11.44 -23.86 10.55
CA PRO A 133 12.09 -23.84 11.86
C PRO A 133 12.81 -25.16 12.16
N GLU A 134 13.53 -25.15 13.27
CA GLU A 134 14.28 -26.31 13.74
C GLU A 134 13.34 -27.42 14.16
N ASN A 135 13.73 -28.66 13.91
CA ASN A 135 12.90 -29.80 14.27
C ASN A 135 11.57 -29.83 13.53
N TYR A 136 11.51 -29.15 12.40
CA TYR A 136 10.34 -29.24 11.54
C TYR A 136 10.79 -29.74 10.17
N LYS A 137 10.53 -31.00 9.95
CA LYS A 137 11.01 -31.75 8.79
C LYS A 137 10.56 -31.11 7.49
N LYS A 138 9.26 -30.89 7.36
CA LYS A 138 8.68 -30.37 6.14
C LYS A 138 7.27 -29.87 6.43
N PRO A 139 6.75 -29.01 5.56
CA PRO A 139 5.39 -28.47 5.76
C PRO A 139 4.36 -29.59 5.62
N GLU A 140 3.63 -29.88 6.69
CA GLU A 140 2.56 -30.88 6.63
C GLU A 140 1.55 -30.59 7.73
N GLN A 141 0.68 -31.55 8.04
CA GLN A 141 -0.38 -31.27 9.01
C GLN A 141 0.10 -31.44 10.45
N ILE A 142 1.19 -30.77 10.78
CA ILE A 142 1.83 -30.88 12.07
C ILE A 142 2.18 -29.47 12.54
N ALA A 143 1.79 -29.12 13.76
CA ALA A 143 2.12 -27.81 14.31
C ALA A 143 3.63 -27.66 14.39
N ALA A 144 4.18 -26.65 13.71
CA ALA A 144 5.63 -26.56 13.57
C ALA A 144 6.39 -26.46 14.90
N ALA A 145 5.83 -25.71 15.86
CA ALA A 145 6.55 -25.41 17.08
C ALA A 145 6.49 -26.53 18.10
N THR A 146 5.41 -27.29 18.08
CA THR A 146 5.19 -28.30 19.12
C THR A 146 5.36 -29.73 18.63
N GLY A 147 5.26 -29.92 17.31
CA GLY A 147 5.30 -31.24 16.72
C GLY A 147 3.97 -31.99 16.84
N ALA A 148 2.98 -31.38 17.49
CA ALA A 148 1.68 -32.02 17.68
C ALA A 148 0.90 -32.09 16.37
N PRO A 149 -0.03 -33.05 16.25
CA PRO A 149 -0.89 -33.06 15.06
C PRO A 149 -1.60 -31.71 14.96
N ALA A 150 -1.69 -31.15 13.76
CA ALA A 150 -2.38 -29.86 13.62
C ALA A 150 -3.86 -30.18 13.45
N LYS A 151 -4.49 -30.52 14.56
CA LYS A 151 -5.82 -31.08 14.59
C LYS A 151 -6.90 -30.02 14.41
N LEU A 152 -6.64 -28.79 14.87
CA LEU A 152 -7.66 -27.75 14.87
C LEU A 152 -7.26 -26.59 13.97
N SER A 153 -8.25 -25.94 13.35
CA SER A 153 -7.99 -24.72 12.59
C SER A 153 -7.74 -23.56 13.56
N HIS A 154 -7.21 -22.45 13.05
CA HIS A 154 -6.96 -21.31 13.92
C HIS A 154 -8.22 -20.89 14.66
N HIS A 155 -9.37 -20.92 14.02
CA HIS A 155 -10.56 -20.43 14.71
C HIS A 155 -11.04 -21.39 15.81
N GLU A 156 -10.81 -22.69 15.60
CA GLU A 156 -11.12 -23.69 16.60
C GLU A 156 -10.21 -23.59 17.83
N VAL A 157 -8.91 -23.44 17.57
CA VAL A 157 -7.98 -23.19 18.67
C VAL A 157 -8.42 -21.97 19.47
N LEU A 158 -8.66 -20.86 18.78
CA LEU A 158 -8.99 -19.62 19.48
C LEU A 158 -10.28 -19.78 20.28
N LEU A 159 -11.24 -20.52 19.74
CA LEU A 159 -12.46 -20.78 20.50
C LEU A 159 -12.18 -21.64 21.74
N ARG A 160 -11.39 -22.70 21.59
CA ARG A 160 -11.13 -23.57 22.74
C ARG A 160 -10.38 -22.82 23.84
N LEU A 161 -9.61 -21.80 23.45
CA LEU A 161 -8.88 -20.98 24.41
C LEU A 161 -9.76 -19.91 25.04
N ASP A 162 -11.00 -19.80 24.57
CA ASP A 162 -11.87 -18.71 24.96
C ASP A 162 -11.15 -17.37 24.69
N GLY A 163 -10.58 -17.23 23.50
CA GLY A 163 -9.77 -16.07 23.17
C GLY A 163 -10.44 -15.09 22.24
N TYR A 164 -11.65 -15.41 21.79
CA TYR A 164 -12.41 -14.45 21.01
C TYR A 164 -13.87 -14.83 21.01
N ASP A 165 -14.72 -13.93 20.54
CA ASP A 165 -16.15 -14.16 20.54
C ASP A 165 -16.75 -13.72 19.21
N PRO A 166 -16.85 -14.65 18.26
CA PRO A 166 -17.44 -14.30 16.96
C PRO A 166 -18.96 -14.20 17.03
N GLU A 167 -19.57 -14.94 17.95
CA GLU A 167 -21.04 -14.93 18.00
C GLU A 167 -21.57 -13.56 18.45
N ARG A 168 -21.04 -13.06 19.55
CA ARG A 168 -21.48 -11.76 20.05
C ARG A 168 -20.95 -10.65 19.12
N GLY A 169 -19.77 -10.89 18.54
CA GLY A 169 -19.23 -9.99 17.54
C GLY A 169 -20.21 -9.80 16.38
N VAL A 170 -20.70 -10.90 15.82
CA VAL A 170 -21.60 -10.80 14.67
C VAL A 170 -22.90 -10.08 15.03
N ARG A 171 -23.46 -10.37 16.20
CA ARG A 171 -24.70 -9.73 16.62
C ARG A 171 -24.56 -8.22 16.73
N ILE A 172 -23.38 -7.77 17.15
CA ILE A 172 -23.18 -6.35 17.44
C ILE A 172 -22.67 -5.53 16.24
N VAL A 173 -21.86 -6.16 15.38
CA VAL A 173 -21.21 -5.47 14.27
C VAL A 173 -21.66 -5.97 12.88
N GLY A 174 -22.11 -7.21 12.81
CA GLY A 174 -22.44 -7.83 11.52
C GLY A 174 -21.35 -8.81 11.13
N HIS A 175 -21.39 -9.30 9.89
CA HIS A 175 -20.46 -10.34 9.45
C HIS A 175 -18.99 -10.03 9.69
N ARG A 176 -18.26 -11.05 10.13
CA ARG A 176 -16.84 -10.96 10.48
C ARG A 176 -16.56 -10.19 11.77
N GLY A 177 -17.60 -9.67 12.43
CA GLY A 177 -17.39 -8.91 13.65
C GLY A 177 -16.86 -9.79 14.77
N TYR A 178 -16.02 -9.24 15.65
CA TYR A 178 -15.48 -10.03 16.76
C TYR A 178 -15.05 -9.18 17.93
N PHE A 179 -15.09 -9.79 19.12
CA PHE A 179 -14.38 -9.27 20.29
C PHE A 179 -13.18 -10.18 20.48
N LEU A 180 -12.05 -9.63 20.95
CA LEU A 180 -10.99 -10.49 21.47
C LEU A 180 -11.17 -10.61 22.97
N ARG A 181 -10.82 -11.76 23.56
CA ARG A 181 -11.03 -11.99 24.99
C ARG A 181 -9.80 -12.59 25.65
N ASN A 182 -9.54 -12.21 26.90
CA ASN A 182 -8.49 -12.87 27.66
C ASN A 182 -7.18 -12.89 26.88
N TYR A 183 -6.63 -14.09 26.67
CA TYR A 183 -5.34 -14.18 26.00
C TYR A 183 -5.38 -13.79 24.53
N GLY A 184 -6.58 -13.73 23.95
CA GLY A 184 -6.74 -13.18 22.63
C GLY A 184 -6.28 -11.73 22.61
N VAL A 185 -6.69 -10.96 23.64
CA VAL A 185 -6.27 -9.57 23.76
C VAL A 185 -4.77 -9.51 24.03
N PHE A 186 -4.29 -10.33 24.97
CA PHE A 186 -2.87 -10.30 25.35
C PHE A 186 -1.93 -10.66 24.19
N LEU A 187 -2.33 -11.64 23.39
CA LEU A 187 -1.51 -12.03 22.24
C LEU A 187 -1.47 -10.93 21.18
N ASN A 188 -2.61 -10.29 20.94
CA ASN A 188 -2.65 -9.20 20.00
C ASN A 188 -1.73 -8.05 20.43
N GLN A 189 -1.84 -7.65 21.70
CA GLN A 189 -0.95 -6.62 22.24
C GLN A 189 0.52 -7.05 22.22
N ALA A 190 0.77 -8.33 22.51
CA ALA A 190 2.12 -8.86 22.47
C ALA A 190 2.71 -8.64 21.08
N LEU A 191 1.97 -9.01 20.04
CA LEU A 191 2.48 -8.83 18.68
C LEU A 191 2.70 -7.36 18.31
N ILE A 192 1.78 -6.50 18.72
CA ILE A 192 1.94 -5.08 18.46
C ILE A 192 3.23 -4.55 19.13
N ASN A 193 3.43 -4.87 20.40
CA ASN A 193 4.60 -4.37 21.13
C ASN A 193 5.91 -5.02 20.76
N TYR A 194 5.87 -6.32 20.50
CA TYR A 194 7.07 -7.00 20.01
C TYR A 194 7.47 -6.41 18.66
N GLY A 195 6.50 -6.27 17.77
CA GLY A 195 6.74 -5.69 16.46
C GLY A 195 7.34 -4.29 16.51
N LEU A 196 6.82 -3.43 17.38
CA LEU A 196 7.38 -2.08 17.56
C LEU A 196 8.80 -2.14 18.10
N SER A 197 9.01 -3.01 19.09
CA SER A 197 10.32 -3.11 19.72
C SER A 197 11.32 -3.66 18.73
N PHE A 198 10.88 -4.67 17.97
CA PHE A 198 11.70 -5.32 16.95
C PHE A 198 12.18 -4.31 15.91
N LEU A 199 11.27 -3.52 15.38
CA LEU A 199 11.65 -2.54 14.35
C LEU A 199 12.42 -1.37 14.95
N SER A 200 12.04 -0.96 16.16
CA SER A 200 12.73 0.14 16.83
C SER A 200 14.23 -0.21 17.02
N SER A 201 14.51 -1.48 17.32
CA SER A 201 15.88 -1.92 17.49
C SER A 201 16.66 -1.85 16.19
N LYS A 202 15.94 -1.77 15.07
CA LYS A 202 16.57 -1.69 13.77
C LYS A 202 16.61 -0.27 13.23
N GLY A 203 16.32 0.70 14.10
CA GLY A 203 16.39 2.10 13.72
C GLY A 203 15.12 2.70 13.14
N TYR A 204 14.03 1.93 13.14
CA TYR A 204 12.74 2.45 12.69
C TYR A 204 12.16 3.35 13.77
N VAL A 205 11.50 4.43 13.36
CA VAL A 205 10.83 5.32 14.28
C VAL A 205 9.37 4.90 14.46
N PRO A 206 8.97 4.57 15.69
CA PRO A 206 7.57 4.20 15.92
C PRO A 206 6.66 5.36 15.57
N LEU A 207 5.61 5.06 14.82
CA LEU A 207 4.72 6.12 14.39
C LEU A 207 3.30 5.61 14.40
N GLN A 208 2.47 6.10 15.32
CA GLN A 208 1.07 5.70 15.34
C GLN A 208 0.25 6.65 14.50
N ALA A 209 -0.37 6.12 13.47
CA ALA A 209 -1.06 6.95 12.49
C ALA A 209 -2.53 7.10 12.85
N PRO A 210 -3.12 8.24 12.48
CA PRO A 210 -4.57 8.39 12.64
C PRO A 210 -5.28 7.45 11.67
N VAL A 211 -6.47 6.98 12.02
CA VAL A 211 -7.17 6.03 11.16
C VAL A 211 -8.22 6.67 10.27
N MET A 212 -8.33 8.00 10.35
CA MET A 212 -9.16 8.77 9.43
C MET A 212 -8.27 9.66 8.58
N MET A 213 -8.66 9.85 7.32
CA MET A 213 -7.92 10.73 6.42
C MET A 213 -8.88 11.59 5.64
N ASN A 214 -8.47 12.83 5.36
CA ASN A 214 -9.23 13.70 4.47
C ASN A 214 -9.27 13.04 3.09
N LYS A 215 -10.36 13.24 2.37
CA LYS A 215 -10.54 12.63 1.05
C LYS A 215 -9.45 13.05 0.06
N GLU A 216 -9.16 14.35 0.01
CA GLU A 216 -8.20 14.86 -0.94
C GLU A 216 -6.81 14.25 -0.75
N VAL A 217 -6.41 14.02 0.50
CA VAL A 217 -5.12 13.39 0.77
C VAL A 217 -5.16 11.89 0.44
N MET A 218 -6.25 11.23 0.80
CA MET A 218 -6.37 9.80 0.53
C MET A 218 -6.28 9.56 -0.98
N ALA A 219 -6.93 10.42 -1.73
CA ALA A 219 -6.98 10.30 -3.18
C ALA A 219 -5.58 10.38 -3.80
N LYS A 220 -4.62 10.96 -3.08
CA LYS A 220 -3.26 11.07 -3.63
C LYS A 220 -2.43 9.81 -3.40
N THR A 221 -2.91 8.90 -2.56
CA THR A 221 -2.10 7.72 -2.28
C THR A 221 -2.81 6.39 -2.55
N ALA A 222 -4.13 6.41 -2.61
CA ALA A 222 -4.90 5.20 -2.91
C ALA A 222 -5.41 5.22 -4.35
N GLN A 223 -5.47 4.04 -4.98
CA GLN A 223 -5.99 3.95 -6.35
C GLN A 223 -7.51 3.84 -6.32
N LEU A 224 -8.14 4.16 -7.45
CA LEU A 224 -9.60 4.22 -7.54
CA LEU A 224 -9.61 4.20 -7.57
C LEU A 224 -10.30 2.95 -7.04
N SER A 225 -9.75 1.78 -7.40
CA SER A 225 -10.37 0.51 -6.99
C SER A 225 -10.49 0.40 -5.47
N GLN A 226 -9.59 1.04 -4.74
CA GLN A 226 -9.66 1.01 -3.28
C GLN A 226 -10.87 1.80 -2.78
N PHE A 227 -11.18 2.92 -3.44
CA PHE A 227 -12.35 3.70 -3.06
C PHE A 227 -13.65 2.92 -3.31
N ASP A 228 -13.60 2.02 -4.28
CA ASP A 228 -14.79 1.27 -4.70
C ASP A 228 -15.19 0.11 -3.78
N GLU A 229 -14.23 -0.74 -3.42
CA GLU A 229 -14.59 -1.93 -2.65
C GLU A 229 -13.76 -2.12 -1.40
N GLU A 230 -12.95 -1.14 -1.03
CA GLU A 230 -12.09 -1.29 0.13
C GLU A 230 -12.44 -0.33 1.27
N LEU A 231 -12.60 0.95 0.97
CA LEU A 231 -12.59 1.98 2.02
C LEU A 231 -13.96 2.33 2.58
N TYR A 232 -14.03 2.41 3.91
CA TYR A 232 -15.24 2.86 4.56
C TYR A 232 -15.22 4.36 4.53
N LYS A 233 -16.35 4.96 4.20
CA LYS A 233 -16.49 6.40 4.28
C LYS A 233 -17.03 6.81 5.67
N VAL A 234 -16.54 7.93 6.19
CA VAL A 234 -16.97 8.41 7.50
C VAL A 234 -17.79 9.69 7.31
N ILE A 235 -18.97 9.75 7.93
CA ILE A 235 -19.77 10.99 7.90
C ILE A 235 -19.53 11.82 9.16
N ASP A 236 -19.09 13.04 8.97
CA ASP A 236 -18.76 13.96 10.06
C ASP A 236 -19.54 15.26 9.88
N GLY A 237 -20.77 15.29 10.37
CA GLY A 237 -21.63 16.42 10.12
C GLY A 237 -21.86 16.56 8.63
N GLU A 238 -21.38 17.65 8.05
CA GLU A 238 -21.53 17.90 6.63
C GLU A 238 -20.30 17.46 5.83
N ASP A 239 -19.29 17.00 6.54
CA ASP A 239 -18.04 16.57 5.90
C ASP A 239 -17.92 15.06 5.83
N GLU A 240 -16.97 14.58 5.03
CA GLU A 240 -16.70 13.16 4.92
C GLU A 240 -15.20 12.93 5.03
N LYS A 241 -14.83 11.81 5.62
CA LYS A 241 -13.46 11.36 5.66
C LYS A 241 -13.47 9.87 5.28
N TYR A 242 -12.30 9.29 5.12
CA TYR A 242 -12.21 7.85 4.93
C TYR A 242 -11.48 7.21 6.11
N LEU A 243 -11.88 6.00 6.47
CA LEU A 243 -11.07 5.16 7.35
C LEU A 243 -9.94 4.53 6.53
N ILE A 244 -8.76 4.42 7.11
CA ILE A 244 -7.62 3.88 6.40
C ILE A 244 -7.66 2.36 6.31
N ALA A 245 -7.14 1.81 5.21
CA ALA A 245 -7.01 0.37 5.02
C ALA A 245 -5.68 -0.14 5.56
N THR A 246 -4.74 0.79 5.78
CA THR A 246 -3.39 0.43 6.21
C THR A 246 -2.67 1.72 6.58
N SER A 247 -1.80 1.65 7.59
CA SER A 247 -1.05 2.83 7.98
C SER A 247 -0.15 3.37 6.85
N GLU A 248 0.05 2.54 5.83
N GLU A 248 0.07 2.56 5.82
CA GLU A 248 0.77 2.95 4.63
CA GLU A 248 0.85 3.05 4.70
C GLU A 248 0.19 4.25 4.09
C GLU A 248 0.19 4.28 4.06
N GLN A 249 -1.14 4.35 4.10
CA GLN A 249 -1.82 5.49 3.52
C GLN A 249 -1.47 6.82 4.20
N PRO A 250 -1.76 6.94 5.52
CA PRO A 250 -1.41 8.23 6.14
C PRO A 250 0.09 8.47 6.28
N ILE A 251 0.85 7.40 6.50
CA ILE A 251 2.30 7.56 6.67
C ILE A 251 2.96 7.96 5.35
N SER A 252 2.42 7.48 4.23
CA SER A 252 2.98 7.89 2.94
C SER A 252 2.78 9.40 2.74
N ALA A 253 1.71 9.95 3.31
CA ALA A 253 1.43 11.38 3.18
C ALA A 253 2.11 12.21 4.27
N TYR A 254 2.77 11.54 5.22
CA TYR A 254 3.42 12.21 6.35
C TYR A 254 4.38 13.30 5.88
N HIS A 255 5.21 13.00 4.89
CA HIS A 255 6.19 13.96 4.38
C HIS A 255 5.76 14.64 3.07
N ALA A 256 4.46 14.57 2.75
CA ALA A 256 3.95 15.25 1.56
C ALA A 256 4.41 16.70 1.54
N GLY A 257 4.84 17.17 0.36
CA GLY A 257 5.23 18.55 0.16
C GLY A 257 6.52 18.93 0.85
N GLU A 258 7.30 17.93 1.27
CA GLU A 258 8.57 18.18 1.94
C GLU A 258 9.72 17.81 1.01
N TRP A 259 10.93 18.16 1.40
CA TRP A 259 12.08 18.08 0.51
C TRP A 259 13.28 17.57 1.29
N PHE A 260 13.75 16.38 0.97
CA PHE A 260 14.97 15.87 1.57
C PHE A 260 16.14 16.36 0.72
N GLU A 261 16.59 17.58 1.00
CA GLU A 261 17.53 18.26 0.13
C GLU A 261 18.97 17.83 0.35
N SER A 262 19.23 17.13 1.45
CA SER A 262 20.54 16.55 1.69
C SER A 262 20.37 15.06 1.99
N PRO A 263 20.02 14.28 0.96
CA PRO A 263 19.56 12.91 1.13
C PRO A 263 20.65 11.96 1.66
N ALA A 264 21.91 12.22 1.34
CA ALA A 264 22.99 11.35 1.80
C ALA A 264 22.99 11.24 3.31
N GLU A 265 22.64 12.33 3.98
CA GLU A 265 22.58 12.34 5.43
C GLU A 265 21.15 12.18 6.00
N GLN A 266 20.15 12.63 5.25
CA GLN A 266 18.76 12.63 5.75
C GLN A 266 17.99 11.32 5.52
N LEU A 267 18.36 10.59 4.47
CA LEU A 267 17.70 9.34 4.13
C LEU A 267 18.68 8.20 4.33
N PRO A 268 18.16 6.97 4.52
CA PRO A 268 16.74 6.63 4.50
C PRO A 268 16.02 7.02 5.78
N VAL A 269 14.73 7.27 5.67
CA VAL A 269 13.88 7.46 6.85
CA VAL A 269 13.91 7.44 6.87
C VAL A 269 12.98 6.23 6.96
N ARG A 270 13.02 5.57 8.11
CA ARG A 270 12.28 4.32 8.29
C ARG A 270 11.26 4.44 9.42
N TYR A 271 10.00 4.16 9.12
CA TYR A 271 8.93 4.22 10.13
C TYR A 271 8.36 2.83 10.44
N ALA A 272 8.22 2.55 11.73
CA ALA A 272 7.46 1.41 12.21
C ALA A 272 6.05 1.89 12.47
N GLY A 273 5.20 1.78 11.46
CA GLY A 273 3.85 2.31 11.53
C GLY A 273 2.96 1.39 12.33
N TYR A 274 2.06 1.96 13.12
CA TYR A 274 1.07 1.15 13.83
C TYR A 274 -0.29 1.82 13.73
N SER A 275 -1.30 1.03 13.36
CA SER A 275 -2.65 1.54 13.36
C SER A 275 -3.60 0.37 13.30
N SER A 276 -4.86 0.61 13.63
CA SER A 276 -5.92 -0.28 13.16
C SER A 276 -6.14 -0.01 11.68
N CYS A 277 -6.74 -0.99 10.99
CA CYS A 277 -6.96 -0.97 9.55
C CYS A 277 -8.38 -1.46 9.29
N PHE A 278 -9.05 -0.82 8.34
CA PHE A 278 -10.47 -1.12 8.10
C PHE A 278 -10.70 -1.39 6.62
N ARG A 279 -11.31 -2.54 6.31
CA ARG A 279 -11.52 -2.92 4.93
C ARG A 279 -12.90 -3.52 4.73
N ARG A 280 -13.63 -3.00 3.75
CA ARG A 280 -14.96 -3.51 3.42
C ARG A 280 -14.92 -4.95 2.90
N GLU A 281 -13.80 -5.34 2.29
CA GLU A 281 -13.69 -6.67 1.69
C GLU A 281 -14.94 -6.94 0.86
N ALA A 282 -15.36 -5.95 0.09
CA ALA A 282 -16.64 -5.99 -0.60
C ALA A 282 -16.69 -7.08 -1.67
N GLY A 283 -15.53 -7.46 -2.21
CA GLY A 283 -15.46 -8.52 -3.19
C GLY A 283 -15.13 -9.87 -2.59
N SER A 284 -15.12 -9.94 -1.26
CA SER A 284 -14.77 -11.16 -0.55
C SER A 284 -15.95 -11.70 0.25
N HIS A 285 -16.81 -12.46 -0.42
CA HIS A 285 -18.00 -13.01 0.23
C HIS A 285 -17.79 -14.47 0.61
N GLY A 286 -18.00 -14.79 1.88
CA GLY A 286 -17.93 -16.16 2.34
C GLY A 286 -16.52 -16.70 2.54
N LYS A 287 -15.57 -16.22 1.73
CA LYS A 287 -14.20 -16.71 1.81
C LYS A 287 -13.54 -16.38 3.15
N ASP A 288 -13.03 -17.42 3.81
CA ASP A 288 -12.43 -17.28 5.13
C ASP A 288 -13.49 -16.79 6.12
N ALA A 289 -14.59 -17.53 6.18
CA ALA A 289 -15.80 -17.10 6.88
C ALA A 289 -15.65 -16.97 8.39
N TRP A 290 -14.97 -17.94 9.01
CA TRP A 290 -14.87 -17.95 10.46
C TRP A 290 -13.44 -17.72 10.91
N GLY A 291 -13.30 -17.10 12.08
CA GLY A 291 -12.00 -16.74 12.62
C GLY A 291 -11.65 -15.28 12.38
N ILE A 292 -10.42 -14.90 12.74
CA ILE A 292 -9.98 -13.51 12.60
C ILE A 292 -8.89 -13.43 11.53
N PHE A 293 -8.97 -14.34 10.56
CA PHE A 293 -7.99 -14.39 9.48
C PHE A 293 -8.28 -13.31 8.46
N ARG A 294 -9.55 -13.16 8.12
CA ARG A 294 -9.96 -12.13 7.18
C ARG A 294 -11.14 -11.39 7.78
N VAL A 295 -10.89 -10.18 8.27
CA VAL A 295 -11.90 -9.42 9.01
C VAL A 295 -11.99 -8.00 8.47
N HIS A 296 -12.93 -7.21 9.01
CA HIS A 296 -13.13 -5.83 8.53
C HIS A 296 -12.27 -4.82 9.28
N ALA A 297 -11.74 -5.21 10.44
CA ALA A 297 -10.92 -4.33 11.28
C ALA A 297 -9.82 -5.17 11.89
N PHE A 298 -8.57 -4.71 11.76
CA PHE A 298 -7.44 -5.45 12.32
C PHE A 298 -6.30 -4.49 12.61
N GLU A 299 -5.36 -4.91 13.45
CA GLU A 299 -4.17 -4.10 13.71
C GLU A 299 -2.99 -4.54 12.85
N LYS A 300 -2.09 -3.61 12.53
CA LYS A 300 -0.94 -3.95 11.70
C LYS A 300 0.25 -3.07 12.04
N ILE A 301 1.39 -3.72 12.28
CA ILE A 301 2.67 -3.05 12.31
C ILE A 301 3.25 -3.06 10.90
N GLU A 302 3.53 -1.86 10.39
CA GLU A 302 3.90 -1.61 9.01
C GLU A 302 5.33 -1.08 8.95
N GLN A 303 6.12 -1.55 7.99
CA GLN A 303 7.38 -0.90 7.65
C GLN A 303 7.12 0.14 6.57
N PHE A 304 7.53 1.38 6.78
CA PHE A 304 7.41 2.35 5.72
C PHE A 304 8.72 3.11 5.61
N VAL A 305 9.27 3.14 4.40
CA VAL A 305 10.62 3.66 4.21
C VAL A 305 10.68 4.58 3.01
N LEU A 306 11.41 5.69 3.17
CA LEU A 306 11.73 6.59 2.08
C LEU A 306 13.23 6.54 1.90
N THR A 307 13.67 6.41 0.65
CA THR A 307 15.08 6.32 0.35
C THR A 307 15.38 7.14 -0.89
N GLU A 308 16.66 7.31 -1.19
CA GLU A 308 17.10 7.84 -2.47
C GLU A 308 16.72 6.88 -3.58
N PRO A 309 16.39 7.42 -4.76
CA PRO A 309 16.03 6.58 -5.91
C PRO A 309 17.06 5.47 -6.14
N GLU A 310 18.34 5.77 -5.94
CA GLU A 310 19.41 4.84 -6.25
C GLU A 310 19.56 3.76 -5.17
N LYS A 311 18.81 3.87 -4.09
CA LYS A 311 18.99 2.92 -2.98
C LYS A 311 17.77 2.07 -2.67
N SER A 312 16.70 2.23 -3.43
CA SER A 312 15.44 1.58 -3.06
C SER A 312 15.50 0.08 -3.23
N TRP A 313 16.20 -0.39 -4.26
CA TRP A 313 16.22 -1.83 -4.50
C TRP A 313 16.97 -2.59 -3.40
N GLU A 314 18.05 -2.02 -2.91
CA GLU A 314 18.75 -2.57 -1.76
C GLU A 314 17.84 -2.50 -0.51
N GLU A 315 17.11 -1.40 -0.36
CA GLU A 315 16.21 -1.27 0.79
C GLU A 315 15.10 -2.32 0.75
N PHE A 316 14.56 -2.58 -0.45
CA PHE A 316 13.52 -3.59 -0.62
C PHE A 316 13.98 -4.93 -0.06
N ASP A 317 15.22 -5.32 -0.38
CA ASP A 317 15.78 -6.57 0.14
C ASP A 317 15.90 -6.53 1.66
N ARG A 318 16.33 -5.39 2.19
CA ARG A 318 16.46 -5.23 3.63
CA ARG A 318 16.45 -5.18 3.62
C ARG A 318 15.10 -5.35 4.33
N MET A 319 14.06 -4.79 3.72
CA MET A 319 12.74 -4.81 4.32
C MET A 319 12.09 -6.19 4.35
N ILE A 320 12.16 -6.94 3.24
CA ILE A 320 11.61 -8.29 3.25
C ILE A 320 12.44 -9.13 4.21
N GLY A 321 13.74 -8.84 4.27
CA GLY A 321 14.63 -9.54 5.19
C GLY A 321 14.22 -9.30 6.64
N CYS A 322 13.85 -8.06 6.95
CA CYS A 322 13.34 -7.73 8.28
C CYS A 322 12.10 -8.55 8.63
N SER A 323 11.15 -8.65 7.70
CA SER A 323 9.96 -9.46 7.96
C SER A 323 10.29 -10.95 8.11
N GLU A 324 11.20 -11.45 7.28
CA GLU A 324 11.60 -12.85 7.40
C GLU A 324 12.18 -13.11 8.79
N GLU A 325 13.07 -12.24 9.23
CA GLU A 325 13.68 -12.39 10.55
C GLU A 325 12.59 -12.40 11.63
N PHE A 326 11.62 -11.52 11.50
CA PHE A 326 10.50 -11.48 12.43
C PHE A 326 9.77 -12.84 12.50
N TYR A 327 9.41 -13.41 11.34
CA TYR A 327 8.71 -14.70 11.36
C TYR A 327 9.60 -15.85 11.80
N GLN A 328 10.88 -15.77 11.47
CA GLN A 328 11.81 -16.77 11.98
C GLN A 328 11.84 -16.74 13.49
N SER A 329 11.77 -15.54 14.06
CA SER A 329 11.84 -15.36 15.51
C SER A 329 10.59 -15.93 16.19
N LEU A 330 9.50 -16.05 15.44
CA LEU A 330 8.28 -16.66 15.96
C LEU A 330 8.22 -18.15 15.64
N GLY A 331 9.21 -18.65 14.90
CA GLY A 331 9.26 -20.07 14.57
C GLY A 331 8.17 -20.50 13.60
N LEU A 332 7.79 -19.62 12.68
CA LEU A 332 6.71 -19.93 11.74
C LEU A 332 7.29 -20.24 10.36
N PRO A 333 7.02 -21.45 9.83
CA PRO A 333 7.55 -21.79 8.49
C PRO A 333 6.91 -20.87 7.47
N TYR A 334 7.65 -20.49 6.42
CA TYR A 334 7.07 -19.61 5.41
C TYR A 334 7.76 -19.80 4.08
N ARG A 335 7.19 -19.20 3.04
CA ARG A 335 7.90 -19.01 1.78
C ARG A 335 7.75 -17.56 1.35
N VAL A 336 8.73 -17.07 0.61
CA VAL A 336 8.65 -15.75 -0.01
C VAL A 336 8.45 -15.92 -1.52
N VAL A 337 7.45 -15.23 -2.06
CA VAL A 337 7.12 -15.36 -3.47
C VAL A 337 7.10 -14.03 -4.20
N GLY A 338 7.61 -14.04 -5.42
CA GLY A 338 7.61 -12.87 -6.27
C GLY A 338 6.31 -12.81 -7.04
N ILE A 339 5.48 -11.83 -6.71
CA ILE A 339 4.14 -11.72 -7.28
C ILE A 339 4.16 -11.38 -8.78
N VAL A 340 3.34 -12.10 -9.56
CA VAL A 340 3.30 -11.90 -11.01
C VAL A 340 2.81 -10.50 -11.37
N SER A 341 3.22 -10.01 -12.54
CA SER A 341 2.89 -8.66 -12.97
C SER A 341 1.40 -8.35 -12.92
N GLY A 342 0.57 -9.34 -13.24
CA GLY A 342 -0.86 -9.13 -13.35
C GLY A 342 -1.58 -8.93 -12.02
N GLU A 343 -0.85 -9.15 -10.92
CA GLU A 343 -1.39 -9.01 -9.57
C GLU A 343 -0.78 -7.85 -8.79
N LEU A 344 -0.03 -6.99 -9.45
CA LEU A 344 0.53 -5.81 -8.79
C LEU A 344 -0.48 -4.67 -8.80
N ASN A 345 -0.64 -3.97 -7.68
CA ASN A 345 -1.41 -2.73 -7.68
C ASN A 345 -0.65 -1.65 -8.44
N ASN A 346 -1.32 -0.55 -8.78
CA ASN A 346 -0.72 0.50 -9.60
C ASN A 346 0.60 1.04 -9.09
N ALA A 347 0.72 1.17 -7.76
CA ALA A 347 1.90 1.84 -7.22
C ALA A 347 3.15 0.95 -7.25
N ALA A 348 2.97 -0.36 -7.20
CA ALA A 348 4.10 -1.28 -7.03
C ALA A 348 4.84 -1.55 -8.33
N ALA A 349 6.15 -1.33 -8.33
CA ALA A 349 7.01 -1.75 -9.44
C ALA A 349 7.43 -3.20 -9.23
N LYS A 350 7.45 -3.65 -7.97
CA LYS A 350 7.83 -5.02 -7.63
C LYS A 350 7.23 -5.35 -6.27
N LYS A 351 6.75 -6.58 -6.10
CA LYS A 351 6.18 -7.00 -4.82
C LYS A 351 6.55 -8.43 -4.45
N TYR A 352 6.94 -8.63 -3.19
CA TYR A 352 7.16 -9.97 -2.63
C TYR A 352 6.13 -10.19 -1.56
N ASP A 353 5.55 -11.38 -1.50
CA ASP A 353 4.70 -11.72 -0.38
C ASP A 353 5.43 -12.78 0.46
N LEU A 354 5.28 -12.68 1.77
CA LEU A 354 5.69 -13.76 2.65
C LEU A 354 4.39 -14.46 2.99
N GLU A 355 4.36 -15.76 2.70
CA GLU A 355 3.20 -16.60 2.97
C GLU A 355 3.63 -17.66 3.97
N ALA A 356 2.95 -17.71 5.10
CA ALA A 356 3.34 -18.59 6.18
C ALA A 356 2.56 -19.88 6.09
N TRP A 357 3.14 -20.96 6.59
CA TRP A 357 2.50 -22.27 6.57
C TRP A 357 1.41 -22.37 7.63
N PHE A 358 0.20 -22.71 7.21
CA PHE A 358 -0.88 -23.00 8.13
C PHE A 358 -1.10 -24.52 8.10
N PRO A 359 -0.63 -25.24 9.13
CA PRO A 359 -0.60 -26.71 9.01
C PRO A 359 -1.97 -27.37 9.03
N PHE A 360 -2.99 -26.75 9.63
CA PHE A 360 -4.30 -27.37 9.59
C PHE A 360 -4.85 -27.25 8.18
N GLN A 361 -4.75 -26.05 7.63
CA GLN A 361 -5.20 -25.75 6.27
C GLN A 361 -4.34 -26.54 5.30
N GLN A 362 -3.13 -26.87 5.74
CA GLN A 362 -2.11 -27.44 4.89
C GLN A 362 -1.86 -26.57 3.66
N GLU A 363 -1.74 -25.26 3.85
CA GLU A 363 -1.49 -24.32 2.77
C GLU A 363 -0.64 -23.18 3.28
N TYR A 364 0.17 -22.61 2.40
CA TYR A 364 0.81 -21.34 2.66
C TYR A 364 -0.21 -20.23 2.49
N LYS A 365 -0.25 -19.31 3.46
CA LYS A 365 -1.19 -18.17 3.40
C LYS A 365 -0.47 -16.86 3.55
N GLU A 366 -0.87 -15.88 2.75
CA GLU A 366 -0.24 -14.57 2.79
C GLU A 366 -0.31 -13.89 4.18
N LEU A 367 0.84 -13.51 4.73
CA LEU A 367 0.88 -12.68 5.96
C LEU A 367 1.52 -11.32 5.72
N VAL A 368 2.26 -11.20 4.63
CA VAL A 368 3.07 -10.02 4.37
C VAL A 368 3.11 -9.69 2.89
N SER A 369 2.91 -8.41 2.55
CA SER A 369 3.27 -7.91 1.22
C SER A 369 4.33 -6.83 1.39
N CYS A 370 5.35 -6.88 0.53
CA CYS A 370 6.47 -5.96 0.57
C CYS A 370 6.65 -5.40 -0.85
N SER A 371 6.53 -4.08 -0.98
CA SER A 371 6.49 -3.43 -2.29
C SER A 371 7.49 -2.29 -2.40
N ASN A 372 8.16 -2.21 -3.54
CA ASN A 372 8.87 -1.00 -3.92
C ASN A 372 7.98 -0.24 -4.88
N CYS A 373 7.55 0.94 -4.45
CA CYS A 373 6.65 1.78 -5.24
C CYS A 373 7.44 2.90 -5.94
N THR A 374 8.76 2.77 -5.93
CA THR A 374 9.66 3.80 -6.46
C THR A 374 9.11 5.21 -6.17
N ASP A 375 8.97 6.06 -7.19
CA ASP A 375 8.50 7.44 -6.93
C ASP A 375 7.08 7.69 -7.42
N TYR A 376 6.27 6.64 -7.54
CA TYR A 376 4.90 6.77 -8.04
C TYR A 376 4.05 7.58 -7.07
N GLN A 377 4.18 7.31 -5.78
CA GLN A 377 3.39 8.02 -4.78
C GLN A 377 4.04 9.36 -4.41
N SER A 378 5.36 9.36 -4.30
CA SER A 378 6.06 10.57 -3.91
C SER A 378 5.95 11.68 -4.94
N ARG A 379 5.84 11.33 -6.23
CA ARG A 379 5.57 12.34 -7.25
C ARG A 379 4.23 12.98 -6.97
N ASN A 380 3.23 12.16 -6.64
CA ASN A 380 1.90 12.70 -6.38
C ASN A 380 1.85 13.54 -5.11
N LEU A 381 2.61 13.11 -4.10
CA LEU A 381 2.63 13.79 -2.80
C LEU A 381 3.70 14.87 -2.72
N GLU A 382 4.46 15.02 -3.81
CA GLU A 382 5.54 15.99 -3.89
CA GLU A 382 5.53 16.00 -3.88
C GLU A 382 6.55 15.86 -2.75
N ILE A 383 7.17 14.68 -2.67
CA ILE A 383 8.20 14.44 -1.69
C ILE A 383 9.55 14.41 -2.39
N ARG A 384 10.24 15.54 -2.41
CA ARG A 384 11.41 15.70 -3.24
C ARG A 384 12.68 15.15 -2.61
N CYS A 385 13.61 14.76 -3.47
CA CYS A 385 14.88 14.20 -3.05
C CYS A 385 16.04 14.91 -3.75
N GLY A 386 16.92 15.51 -2.96
CA GLY A 386 18.14 16.12 -3.48
C GLY A 386 17.96 17.23 -4.51
N ILE A 387 19.08 17.57 -5.14
CA ILE A 387 19.17 18.56 -6.21
C ILE A 387 18.03 19.57 -6.23
N LYS A 395 11.84 17.18 -11.78
CA LYS A 395 11.97 17.08 -10.33
C LYS A 395 12.37 15.67 -9.94
N LYS A 396 13.24 15.53 -8.96
CA LYS A 396 13.61 14.21 -8.46
C LYS A 396 12.92 13.95 -7.12
N TYR A 397 12.26 12.81 -7.01
CA TYR A 397 11.52 12.45 -5.81
C TYR A 397 12.17 11.27 -5.10
N VAL A 398 11.87 11.13 -3.81
CA VAL A 398 12.33 9.97 -3.04
C VAL A 398 11.62 8.74 -3.59
N HIS A 399 12.12 7.57 -3.23
CA HIS A 399 11.35 6.35 -3.48
C HIS A 399 10.68 5.96 -2.19
N CYS A 400 9.46 5.43 -2.29
CA CYS A 400 8.71 4.91 -1.16
C CYS A 400 8.56 3.41 -1.27
N LEU A 401 8.77 2.74 -0.15
CA LEU A 401 8.57 1.30 -0.05
C LEU A 401 7.71 1.05 1.16
N ASN A 402 6.92 -0.02 1.11
CA ASN A 402 6.15 -0.41 2.27
C ASN A 402 6.14 -1.91 2.37
N SER A 403 6.14 -2.41 3.60
CA SER A 403 6.04 -3.84 3.82
C SER A 403 5.35 -4.15 5.14
N THR A 404 4.41 -5.09 5.11
CA THR A 404 3.86 -5.58 6.35
C THR A 404 5.01 -6.05 7.23
N LEU A 405 4.97 -5.73 8.53
CA LEU A 405 5.75 -6.51 9.47
C LEU A 405 4.83 -7.59 10.04
N SER A 406 3.79 -7.17 10.75
CA SER A 406 2.78 -8.13 11.22
C SER A 406 1.38 -7.55 11.22
N ALA A 407 0.49 -8.15 10.44
CA ALA A 407 -0.93 -7.95 10.60
C ALA A 407 -1.31 -8.86 11.75
N THR A 408 -1.65 -8.29 12.89
CA THR A 408 -1.56 -9.06 14.14
C THR A 408 -2.62 -10.16 14.27
N GLU A 409 -3.86 -9.86 13.96
CA GLU A 409 -4.90 -10.90 14.09
C GLU A 409 -4.59 -12.08 13.15
N ARG A 410 -4.17 -11.80 11.92
CA ARG A 410 -3.85 -12.90 11.01
C ARG A 410 -2.59 -13.65 11.44
N THR A 411 -1.61 -12.92 11.97
CA THR A 411 -0.43 -13.55 12.54
C THR A 411 -0.81 -14.45 13.74
N ILE A 412 -1.76 -14.02 14.55
CA ILE A 412 -2.25 -14.87 15.62
C ILE A 412 -2.80 -16.18 15.05
N CYS A 413 -3.56 -16.09 13.96
CA CYS A 413 -4.08 -17.31 13.33
C CYS A 413 -2.98 -18.32 13.00
N CYS A 414 -1.86 -17.83 12.48
CA CYS A 414 -0.74 -18.71 12.13
C CYS A 414 -0.09 -19.34 13.37
N ILE A 415 0.09 -18.51 14.39
CA ILE A 415 0.58 -18.98 15.68
C ILE A 415 -0.32 -20.07 16.25
N LEU A 416 -1.61 -19.81 16.26
CA LEU A 416 -2.57 -20.79 16.80
C LEU A 416 -2.40 -22.15 16.15
N GLU A 417 -2.30 -22.20 14.82
CA GLU A 417 -2.23 -23.52 14.19
C GLU A 417 -0.88 -24.18 14.46
N ASN A 418 0.17 -23.37 14.55
CA ASN A 418 1.52 -23.92 14.72
C ASN A 418 1.98 -24.15 16.17
N TYR A 419 1.23 -23.63 17.13
CA TYR A 419 1.64 -23.72 18.54
C TYR A 419 0.64 -24.52 19.35
N GLN A 420 -0.34 -25.12 18.66
CA GLN A 420 -1.34 -25.93 19.32
C GLN A 420 -0.73 -27.26 19.75
N LYS A 421 -1.27 -27.82 20.81
CA LYS A 421 -1.01 -29.22 21.15
C LYS A 421 -2.28 -29.75 21.80
N GLU A 422 -2.23 -30.96 22.33
CA GLU A 422 -3.47 -31.65 22.69
C GLU A 422 -4.33 -30.89 23.71
N ASP A 423 -3.67 -30.32 24.73
CA ASP A 423 -4.35 -29.71 25.87
C ASP A 423 -4.32 -28.17 25.86
N GLY A 424 -3.73 -27.58 24.84
CA GLY A 424 -3.77 -26.13 24.73
C GLY A 424 -2.75 -25.51 23.79
N LEU A 425 -2.34 -24.29 24.11
CA LEU A 425 -1.47 -23.50 23.23
C LEU A 425 -0.14 -23.15 23.89
N VAL A 426 0.96 -23.52 23.25
CA VAL A 426 2.27 -23.06 23.71
C VAL A 426 2.44 -21.58 23.30
N ILE A 427 2.92 -20.73 24.19
CA ILE A 427 3.14 -19.33 23.86
C ILE A 427 4.53 -19.16 23.22
N PRO A 428 4.59 -18.57 22.02
CA PRO A 428 5.90 -18.39 21.40
C PRO A 428 6.88 -17.69 22.36
N GLU A 429 8.10 -18.21 22.49
CA GLU A 429 9.03 -17.68 23.48
C GLU A 429 9.22 -16.16 23.44
N VAL A 430 9.42 -15.58 22.25
CA VAL A 430 9.67 -14.15 22.15
C VAL A 430 8.49 -13.27 22.60
N LEU A 431 7.28 -13.84 22.67
CA LEU A 431 6.12 -13.04 23.05
C LEU A 431 5.86 -13.07 24.56
N ARG A 432 6.45 -14.05 25.24
CA ARG A 432 6.16 -14.28 26.65
C ARG A 432 6.33 -13.06 27.55
N LYS A 433 7.38 -12.29 27.29
CA LYS A 433 7.68 -11.16 28.15
C LYS A 433 6.65 -10.05 27.99
N TYR A 434 5.84 -10.12 26.93
CA TYR A 434 4.85 -9.08 26.66
C TYR A 434 3.48 -9.41 27.24
N ILE A 435 3.39 -10.56 27.90
CA ILE A 435 2.13 -11.05 28.43
C ILE A 435 2.21 -11.17 29.95
N PRO A 436 1.21 -10.63 30.66
CA PRO A 436 1.23 -10.71 32.13
C PRO A 436 1.37 -12.16 32.60
N GLY A 437 2.30 -12.40 33.51
CA GLY A 437 2.55 -13.74 34.00
C GLY A 437 3.58 -14.49 33.15
N GLU A 438 3.95 -13.90 32.01
CA GLU A 438 4.84 -14.56 31.07
C GLU A 438 4.56 -16.06 30.99
N PRO A 439 3.31 -16.41 30.65
CA PRO A 439 2.98 -17.84 30.55
C PRO A 439 3.77 -18.52 29.42
N GLU A 440 4.13 -19.78 29.61
CA GLU A 440 4.78 -20.53 28.55
C GLU A 440 3.75 -21.33 27.77
N PHE A 441 2.56 -21.47 28.35
CA PHE A 441 1.53 -22.35 27.84
C PHE A 441 0.21 -21.90 28.42
N ILE A 442 -0.85 -21.94 27.62
CA ILE A 442 -2.18 -21.66 28.13
C ILE A 442 -3.14 -22.78 27.75
N PRO A 443 -3.94 -23.26 28.72
CA PRO A 443 -4.77 -24.44 28.50
C PRO A 443 -6.04 -24.15 27.72
N TYR A 444 -6.53 -25.16 26.99
CA TYR A 444 -7.85 -25.10 26.41
C TYR A 444 -8.84 -25.01 27.56
N ILE A 445 -9.86 -24.20 27.39
CA ILE A 445 -10.81 -23.90 28.45
C ILE A 445 -12.18 -24.45 28.09
N LYS A 446 -12.44 -24.55 26.79
CA LYS A 446 -13.74 -24.96 26.28
C LYS A 446 -13.55 -26.11 25.30
N GLU A 447 -14.58 -26.93 25.12
CA GLU A 447 -14.57 -27.96 24.09
C GLU A 447 -15.27 -27.44 22.86
N LEU A 448 -14.95 -27.96 21.68
CA LEU A 448 -15.71 -27.62 20.48
C LEU A 448 -17.00 -28.44 20.51
N PRO A 449 -18.10 -27.83 20.02
CA PRO A 449 -19.35 -28.59 19.98
C PRO A 449 -19.22 -29.88 19.16
N LYS A 450 -18.48 -29.83 18.06
CA LYS A 450 -18.41 -30.95 17.14
C LYS A 450 -17.50 -32.10 17.60
N ASN A 451 -16.28 -31.78 18.04
CA ASN A 451 -15.27 -32.77 18.40
C ASN A 451 -15.45 -34.16 17.76
N10 SSA B . 0.63 -1.48 3.30
CA SSA B . 0.73 -2.79 2.65
CB SSA B . 1.80 -3.63 3.34
OG SSA B . 1.37 -4.04 4.65
C9 SSA B . -0.59 -3.50 2.69
O9 SSA B . -1.54 -3.04 3.31
N8 SSA B . -0.66 -4.64 2.03
S1 SSA B . -1.86 -5.68 2.20
O1S SSA B . -3.09 -5.22 1.64
O2S SSA B . -1.48 -6.92 1.59
O5' SSA B . -2.08 -5.99 3.70
C5' SSA B . -0.99 -6.39 4.52
C4' SSA B . -1.41 -7.61 5.35
O4' SSA B . -2.55 -7.35 6.19
C3' SSA B . -1.83 -8.80 4.52
O3' SSA B . -0.67 -9.47 4.01
C2' SSA B . -2.60 -9.61 5.55
O2' SSA B . -1.69 -10.32 6.41
C1' SSA B . -3.29 -8.54 6.39
N9 SSA B . -4.68 -8.33 5.91
C8 SSA B . -5.06 -7.78 4.75
N7 SSA B . -6.42 -7.79 4.69
C5 SSA B . -6.86 -8.34 5.84
C6 SSA B . -8.12 -8.59 6.34
N6 SSA B . -9.20 -8.26 5.60
N1 SSA B . -8.25 -9.17 7.56
C2 SSA B . -7.17 -9.49 8.28
N3 SSA B . -5.93 -9.24 7.83
C4 SSA B . -5.76 -8.69 6.61
MG MG C . -1.16 -8.40 -0.26
N10 SSA D . 17.38 -21.68 17.03
CA SSA D . 16.59 -21.83 18.24
CB SSA D . 16.59 -20.49 18.97
OG SSA D . 15.75 -20.56 20.14
C9 SSA D . 15.18 -22.22 17.88
O9 SSA D . 14.36 -22.44 18.76
N8 SSA D . 14.90 -22.31 16.58
S1 SSA D . 13.39 -22.55 16.08
O1S SSA D . 13.33 -22.31 14.67
O2S SSA D . 13.00 -23.91 16.36
O5' SSA D . 12.45 -21.60 16.83
C5' SSA D . 12.28 -20.24 16.43
C4' SSA D . 11.65 -19.48 17.59
O4' SSA D . 10.27 -19.82 17.73
C3' SSA D . 12.31 -19.83 18.91
O3' SSA D . 13.30 -18.85 19.27
C2' SSA D . 11.18 -19.83 19.92
O2' SSA D . 11.09 -18.55 20.55
C1' SSA D . 9.92 -20.05 19.11
N9 SSA D . 9.51 -21.46 19.32
C8 SSA D . 9.67 -22.50 18.47
N7 SSA D . 9.17 -23.61 19.07
C5 SSA D . 8.71 -23.26 20.29
C6 SSA D . 8.11 -23.96 21.32
N6 SSA D . 7.86 -25.29 21.22
N1 SSA D . 7.76 -23.28 22.45
C2 SSA D . 7.99 -21.97 22.57
N3 SSA D . 8.58 -21.28 21.58
C4 SSA D . 8.94 -21.90 20.44
MG MG E . -2.93 -4.30 -11.28
#